data_9L6X
#
_entry.id   9L6X
#
_cell.length_a   40.870
_cell.length_b   91.880
_cell.length_c   61.210
_cell.angle_alpha   90.00
_cell.angle_beta   106.11
_cell.angle_gamma   90.00
#
_symmetry.space_group_name_H-M   'P 1 21 1'
#
loop_
_entity.id
_entity.type
_entity.pdbx_description
1 polymer 'Large ribosomal subunit protein eL8'
2 polymer 'CS1 RNA'
3 non-polymer 'MAGNESIUM ION'
4 water water
#
loop_
_entity_poly.entity_id
_entity_poly.type
_entity_poly.pdbx_seq_one_letter_code
_entity_poly.pdbx_strand_id
1 'polypeptide(L)'
;SYVRFEVPEDMQNEALSLLEKVRESGKVKKGTNRTTHAVYRGLAKLVYIAEDVDPPEIVAHLPLLCEEKNVPYIYVKSKN
DLGRAVGGWPIGASAAIINEGELRKELGSLVEKIKGLQK
;
A,C
2 'polyribonucleotide' GGUGGCAGAGAAAGGCGAAAGCCUUGUGAGGCCAUC B,D
#
# COMPACT_ATOMS: atom_id res chain seq x y z
N TYR A 2 8.35 9.29 14.39
CA TYR A 2 7.34 9.28 13.32
C TYR A 2 6.25 8.25 13.64
N VAL A 3 6.18 7.83 14.91
CA VAL A 3 5.23 6.80 15.33
C VAL A 3 3.83 7.39 15.42
N ARG A 4 2.81 6.54 15.25
CA ARG A 4 1.43 6.99 15.39
C ARG A 4 0.88 6.81 16.81
N PHE A 5 1.58 6.05 17.65
CA PHE A 5 1.24 5.92 19.06
C PHE A 5 2.47 5.40 19.77
N GLU A 6 2.61 5.77 21.04
CA GLU A 6 3.73 5.32 21.85
C GLU A 6 3.50 3.90 22.35
N VAL A 7 4.54 3.08 22.29
CA VAL A 7 4.51 1.70 22.72
C VAL A 7 5.42 1.55 23.93
N PRO A 8 4.88 1.28 25.13
CA PRO A 8 5.73 1.12 26.32
C PRO A 8 6.68 -0.06 26.21
N GLU A 9 7.80 0.04 26.92
CA GLU A 9 8.90 -0.91 26.75
C GLU A 9 8.46 -2.35 27.05
N ASP A 10 7.54 -2.55 28.01
CA ASP A 10 7.20 -3.94 28.34
C ASP A 10 6.44 -4.58 27.18
N MET A 11 5.65 -3.80 26.45
CA MET A 11 4.98 -4.31 25.27
C MET A 11 5.98 -4.59 24.14
N GLN A 12 6.97 -3.73 23.95
CA GLN A 12 7.97 -4.01 22.91
C GLN A 12 8.70 -5.29 23.23
N ASN A 13 9.04 -5.48 24.51
CA ASN A 13 9.75 -6.67 24.95
C ASN A 13 8.90 -7.92 24.74
N GLU A 14 7.62 -7.85 25.11
CA GLU A 14 6.71 -8.96 24.85
C GLU A 14 6.56 -9.21 23.34
N ALA A 15 6.40 -8.15 22.56
CA ALA A 15 6.27 -8.35 21.11
C ALA A 15 7.48 -9.09 20.54
N LEU A 16 8.68 -8.71 20.96
CA LEU A 16 9.88 -9.34 20.40
C LEU A 16 10.05 -10.76 20.92
N SER A 17 9.82 -10.98 22.22
CA SER A 17 9.83 -12.36 22.70
C SER A 17 8.85 -13.22 21.91
N LEU A 18 7.65 -12.68 21.64
CA LEU A 18 6.66 -13.42 20.88
C LEU A 18 7.16 -13.73 19.47
N LEU A 19 7.87 -12.80 18.87
CA LEU A 19 8.35 -13.06 17.50
C LEU A 19 9.38 -14.18 17.50
N GLU A 20 10.18 -14.25 18.57
CA GLU A 20 11.19 -15.30 18.68
C GLU A 20 10.53 -16.67 18.77
N LYS A 21 9.39 -16.76 19.47
CA LYS A 21 8.69 -18.03 19.58
C LYS A 21 7.98 -18.39 18.28
N VAL A 22 7.34 -17.42 17.64
CA VAL A 22 6.60 -17.71 16.41
C VAL A 22 7.55 -18.18 15.32
N ARG A 23 8.76 -17.62 15.30
CA ARG A 23 9.83 -18.11 14.43
C ARG A 23 9.95 -19.62 14.47
N GLU A 24 9.78 -20.23 15.66
CA GLU A 24 10.07 -21.64 15.79
C GLU A 24 8.96 -22.54 15.27
N SER A 25 7.70 -22.13 15.39
CA SER A 25 6.61 -23.01 15.00
C SER A 25 5.67 -22.42 13.96
N GLY A 26 5.75 -21.12 13.68
CA GLY A 26 4.92 -20.52 12.67
C GLY A 26 5.73 -20.03 11.48
N LYS A 27 5.31 -18.93 10.88
CA LYS A 27 5.96 -18.37 9.70
C LYS A 27 6.06 -16.86 9.84
N VAL A 28 7.25 -16.32 9.60
CA VAL A 28 7.54 -14.90 9.69
C VAL A 28 8.17 -14.41 8.39
N LYS A 29 7.91 -13.14 8.03
CA LYS A 29 8.54 -12.47 6.90
C LYS A 29 9.30 -11.25 7.42
N LYS A 30 10.54 -11.09 6.95
CA LYS A 30 11.41 -9.99 7.34
C LYS A 30 11.67 -9.10 6.14
N GLY A 31 11.44 -7.79 6.29
CA GLY A 31 11.63 -6.87 5.19
C GLY A 31 10.37 -6.18 4.70
N THR A 32 10.48 -4.89 4.35
CA THR A 32 9.29 -4.08 4.13
C THR A 32 8.54 -4.47 2.85
N ASN A 33 9.25 -4.88 1.79
CA ASN A 33 8.53 -5.22 0.56
C ASN A 33 7.67 -6.46 0.76
N ARG A 34 8.22 -7.51 1.38
CA ARG A 34 7.41 -8.70 1.63
C ARG A 34 6.43 -8.50 2.77
N THR A 35 6.76 -7.67 3.77
CA THR A 35 5.76 -7.33 4.79
C THR A 35 4.58 -6.61 4.17
N THR A 36 4.85 -5.61 3.32
CA THR A 36 3.79 -4.88 2.64
C THR A 36 2.94 -5.82 1.79
N HIS A 37 3.58 -6.71 1.05
CA HIS A 37 2.83 -7.64 0.21
C HIS A 37 1.90 -8.50 1.04
N ALA A 38 2.44 -9.07 2.13
CA ALA A 38 1.64 -9.90 3.03
C ALA A 38 0.44 -9.13 3.58
N VAL A 39 0.65 -7.87 3.98
CA VAL A 39 -0.45 -7.04 4.46
C VAL A 39 -1.50 -6.89 3.37
N TYR A 40 -1.06 -6.54 2.16
CA TYR A 40 -1.99 -6.27 1.06
C TYR A 40 -2.81 -7.51 0.70
N ARG A 41 -2.22 -8.68 0.84
CA ARG A 41 -2.87 -9.94 0.51
C ARG A 41 -3.73 -10.47 1.66
N GLY A 42 -3.83 -9.73 2.76
CA GLY A 42 -4.63 -10.20 3.88
C GLY A 42 -4.01 -11.36 4.63
N LEU A 43 -2.69 -11.57 4.49
CA LEU A 43 -2.02 -12.70 5.10
C LEU A 43 -1.29 -12.37 6.38
N ALA A 44 -1.16 -11.10 6.76
CA ALA A 44 -0.37 -10.71 7.92
C ALA A 44 -1.23 -10.79 9.18
N LYS A 45 -0.71 -11.43 10.22
CA LYS A 45 -1.40 -11.48 11.50
C LYS A 45 -1.02 -10.34 12.43
N LEU A 46 0.23 -9.89 12.36
CA LEU A 46 0.76 -8.85 13.23
C LEU A 46 2.00 -8.29 12.55
N VAL A 47 2.06 -6.96 12.43
CA VAL A 47 3.16 -6.29 11.74
C VAL A 47 4.01 -5.57 12.78
N TYR A 48 5.31 -5.68 12.63
CA TYR A 48 6.29 -4.96 13.42
C TYR A 48 6.89 -3.84 12.58
N ILE A 49 6.98 -2.64 13.15
CA ILE A 49 7.61 -1.50 12.47
C ILE A 49 8.68 -0.92 13.38
N ALA A 50 9.92 -0.86 12.90
CA ALA A 50 11.01 -0.28 13.67
C ALA A 50 10.91 1.25 13.68
N GLU A 51 11.41 1.87 14.76
CA GLU A 51 11.33 3.31 14.92
C GLU A 51 12.59 4.06 14.46
N ASP A 52 13.69 3.36 14.22
CA ASP A 52 14.93 4.01 13.79
C ASP A 52 15.18 3.82 12.30
N VAL A 53 14.11 3.84 11.50
CA VAL A 53 14.22 3.64 10.06
C VAL A 53 14.54 4.98 9.42
N ASP A 54 15.65 5.04 8.70
CA ASP A 54 16.08 6.27 8.06
C ASP A 54 16.57 5.95 6.65
N PRO A 55 15.93 6.47 5.62
CA PRO A 55 14.83 7.44 5.62
C PRO A 55 13.49 6.89 6.09
N PRO A 56 12.76 7.67 6.88
CA PRO A 56 11.49 7.17 7.45
C PRO A 56 10.41 6.85 6.42
N GLU A 57 10.54 7.32 5.18
CA GLU A 57 9.54 7.02 4.15
C GLU A 57 9.47 5.53 3.81
N ILE A 58 10.50 4.76 4.14
CA ILE A 58 10.46 3.32 3.83
C ILE A 58 9.28 2.65 4.51
N VAL A 59 9.00 3.00 5.77
CA VAL A 59 7.93 2.37 6.53
C VAL A 59 6.75 3.32 6.75
N ALA A 60 6.72 4.47 6.08
CA ALA A 60 5.72 5.47 6.43
C ALA A 60 4.31 5.08 5.99
N HIS A 61 4.19 4.26 4.95
CA HIS A 61 2.87 3.88 4.46
C HIS A 61 2.29 2.67 5.18
N LEU A 62 3.11 1.91 5.88
CA LEU A 62 2.63 0.67 6.47
C LEU A 62 1.55 0.85 7.54
N PRO A 63 1.64 1.81 8.47
CA PRO A 63 0.57 1.91 9.48
C PRO A 63 -0.80 2.07 8.86
N LEU A 64 -0.89 2.93 7.84
CA LEU A 64 -2.17 3.18 7.19
C LEU A 64 -2.67 1.96 6.45
N LEU A 65 -1.76 1.27 5.74
CA LEU A 65 -2.17 0.07 5.03
C LEU A 65 -2.64 -1.01 5.99
N CYS A 66 -1.96 -1.17 7.13
CA CYS A 66 -2.42 -2.12 8.14
C CYS A 66 -3.82 -1.77 8.65
N GLU A 67 -4.09 -0.49 8.88
CA GLU A 67 -5.42 -0.12 9.36
C GLU A 67 -6.49 -0.42 8.33
N GLU A 68 -6.19 -0.17 7.05
CA GLU A 68 -7.16 -0.45 6.00
C GLU A 68 -7.41 -1.93 5.82
N LYS A 69 -6.41 -2.77 6.12
CA LYS A 69 -6.50 -4.23 6.04
C LYS A 69 -6.89 -4.88 7.36
N ASN A 70 -7.17 -4.09 8.39
CA ASN A 70 -7.56 -4.64 9.69
C ASN A 70 -6.44 -5.53 10.26
N VAL A 71 -5.20 -5.07 10.12
CA VAL A 71 -4.02 -5.80 10.57
C VAL A 71 -3.41 -5.01 11.72
N PRO A 72 -3.29 -5.58 12.92
CA PRO A 72 -2.64 -4.87 14.01
C PRO A 72 -1.13 -4.79 13.80
N TYR A 73 -0.56 -3.70 14.28
CA TYR A 73 0.86 -3.44 14.10
C TYR A 73 1.35 -2.77 15.36
N ILE A 74 2.64 -2.96 15.62
CA ILE A 74 3.29 -2.44 16.81
C ILE A 74 4.67 -1.92 16.39
N TYR A 75 5.13 -0.90 17.08
CA TYR A 75 6.46 -0.33 16.87
C TYR A 75 7.43 -0.92 17.88
N VAL A 76 8.68 -1.12 17.43
CA VAL A 76 9.77 -1.48 18.32
C VAL A 76 10.92 -0.51 18.08
N LYS A 77 11.83 -0.47 19.03
CA LYS A 77 12.82 0.61 19.09
C LYS A 77 13.79 0.56 17.90
N SER A 78 14.45 -0.59 17.66
CA SER A 78 15.47 -0.64 16.63
C SER A 78 15.21 -1.78 15.65
N LYS A 79 15.56 -1.50 14.38
CA LYS A 79 15.53 -2.52 13.35
C LYS A 79 16.52 -3.64 13.64
N ASN A 80 17.56 -3.34 14.43
CA ASN A 80 18.50 -4.38 14.82
C ASN A 80 17.86 -5.37 15.79
N ASP A 81 17.11 -4.87 16.78
CA ASP A 81 16.39 -5.77 17.67
C ASP A 81 15.36 -6.59 16.89
N LEU A 82 14.63 -5.92 15.99
CA LEU A 82 13.64 -6.61 15.18
C LEU A 82 14.27 -7.70 14.31
N GLY A 83 15.35 -7.36 13.58
CA GLY A 83 16.02 -8.36 12.77
C GLY A 83 16.55 -9.53 13.58
N ARG A 84 17.19 -9.25 14.73
CA ARG A 84 17.68 -10.31 15.58
C ARG A 84 16.55 -11.24 16.04
N ALA A 85 15.39 -10.67 16.35
CA ALA A 85 14.32 -11.52 16.86
C ALA A 85 13.82 -12.45 15.76
N VAL A 86 13.86 -12.00 14.51
CA VAL A 86 13.35 -12.83 13.43
C VAL A 86 14.33 -13.94 13.08
N GLY A 87 15.63 -13.69 13.26
CA GLY A 87 16.66 -14.62 12.83
C GLY A 87 17.12 -14.31 11.42
N GLY A 88 18.17 -15.03 11.00
CA GLY A 88 18.79 -14.70 9.72
C GLY A 88 19.59 -13.42 9.86
N TRP A 89 19.75 -12.70 8.73
CA TRP A 89 20.31 -11.37 8.73
C TRP A 89 19.62 -10.50 9.78
N PRO A 90 20.34 -10.01 10.80
CA PRO A 90 19.65 -9.46 11.99
C PRO A 90 19.24 -8.00 11.88
N ILE A 91 18.83 -7.54 10.70
CA ILE A 91 18.35 -6.17 10.54
C ILE A 91 17.11 -6.18 9.67
N GLY A 92 16.07 -5.46 10.11
CA GLY A 92 14.87 -5.28 9.30
C GLY A 92 14.05 -4.11 9.75
N ALA A 93 13.62 -3.27 8.80
CA ALA A 93 12.80 -2.10 9.14
C ALA A 93 11.38 -2.49 9.52
N SER A 94 10.90 -3.62 9.02
CA SER A 94 9.58 -4.12 9.32
C SER A 94 9.59 -5.63 9.14
N ALA A 95 8.62 -6.28 9.76
CA ALA A 95 8.43 -7.71 9.69
C ALA A 95 6.95 -7.99 9.91
N ALA A 96 6.53 -9.19 9.50
CA ALA A 96 5.15 -9.63 9.70
C ALA A 96 5.12 -11.07 10.16
N ILE A 97 4.25 -11.34 11.13
CA ILE A 97 3.85 -12.72 11.44
C ILE A 97 2.84 -13.18 10.39
N ILE A 98 3.12 -14.29 9.72
CA ILE A 98 2.21 -14.87 8.72
C ILE A 98 1.42 -16.04 9.29
N ASN A 99 2.08 -16.96 9.97
CA ASN A 99 1.41 -18.09 10.60
C ASN A 99 1.77 -18.06 12.07
N GLU A 100 0.75 -18.12 12.92
CA GLU A 100 0.97 -17.89 14.35
C GLU A 100 1.62 -19.07 15.05
N GLY A 101 1.64 -20.25 14.44
CA GLY A 101 2.20 -21.40 15.11
C GLY A 101 1.45 -21.68 16.40
N GLU A 102 2.20 -22.02 17.46
CA GLU A 102 1.62 -22.37 18.76
C GLU A 102 1.29 -21.16 19.62
N LEU A 103 1.32 -19.94 19.08
CA LEU A 103 1.31 -18.74 19.91
C LEU A 103 0.04 -17.91 19.75
N ARG A 104 -1.03 -18.51 19.22
CA ARG A 104 -2.28 -17.76 19.02
C ARG A 104 -2.72 -17.02 20.27
N LYS A 105 -2.55 -17.62 21.45
CA LYS A 105 -3.08 -16.96 22.64
C LYS A 105 -2.19 -15.80 23.10
N GLU A 106 -0.87 -15.96 23.05
CA GLU A 106 -0.03 -14.81 23.39
C GLU A 106 -0.17 -13.68 22.38
N LEU A 107 -0.41 -14.01 21.11
CA LEU A 107 -0.53 -12.95 20.11
C LEU A 107 -1.84 -12.19 20.29
N GLY A 108 -2.95 -12.91 20.40
CA GLY A 108 -4.22 -12.25 20.68
C GLY A 108 -4.19 -11.42 21.95
N SER A 109 -3.44 -11.87 22.95
CA SER A 109 -3.35 -11.10 24.19
C SER A 109 -2.55 -9.82 23.98
N LEU A 110 -1.50 -9.88 23.17
CA LEU A 110 -0.69 -8.70 22.85
C LEU A 110 -1.47 -7.72 21.97
N VAL A 111 -2.23 -8.22 21.00
CA VAL A 111 -3.02 -7.31 20.16
C VAL A 111 -4.14 -6.66 20.97
N GLU A 112 -4.71 -7.38 21.94
CA GLU A 112 -5.68 -6.74 22.84
C GLU A 112 -5.04 -5.54 23.52
N LYS A 113 -3.81 -5.72 23.99
CA LYS A 113 -3.08 -4.63 24.63
C LYS A 113 -2.75 -3.50 23.63
N ILE A 114 -2.47 -3.86 22.37
CA ILE A 114 -2.19 -2.84 21.34
C ILE A 114 -3.42 -1.96 21.07
N LYS A 115 -4.59 -2.58 20.95
CA LYS A 115 -5.81 -1.78 20.84
C LYS A 115 -6.04 -0.93 22.09
N GLY A 116 -5.71 -1.47 23.27
CA GLY A 116 -5.84 -0.68 24.49
C GLY A 116 -5.10 0.64 24.45
N LEU A 117 -3.93 0.67 23.82
CA LEU A 117 -3.27 1.94 23.53
C LEU A 117 -4.08 2.63 22.43
N GLU C 6 6.46 6.69 -3.55
CA GLU C 6 5.98 5.55 -4.32
C GLU C 6 4.97 4.70 -3.52
N VAL C 7 3.86 4.40 -4.17
CA VAL C 7 2.76 3.60 -3.62
C VAL C 7 3.20 2.17 -3.39
N PRO C 8 2.57 1.44 -2.44
CA PRO C 8 2.74 -0.02 -2.43
C PRO C 8 2.67 -0.60 -3.83
N GLU C 9 3.60 -1.52 -4.14
CA GLU C 9 3.60 -2.13 -5.45
C GLU C 9 2.26 -2.78 -5.77
N ASP C 10 1.63 -3.38 -4.76
CA ASP C 10 0.39 -4.09 -5.03
C ASP C 10 -0.74 -3.13 -5.38
N MET C 11 -0.75 -1.91 -4.84
CA MET C 11 -1.78 -0.95 -5.24
C MET C 11 -1.62 -0.51 -6.69
N GLN C 12 -0.39 -0.33 -7.15
CA GLN C 12 -0.15 0.00 -8.54
C GLN C 12 -0.65 -1.12 -9.44
N ASN C 13 -0.33 -2.37 -9.08
CA ASN C 13 -0.73 -3.53 -9.87
C ASN C 13 -2.24 -3.71 -9.85
N GLU C 14 -2.87 -3.56 -8.67
CA GLU C 14 -4.32 -3.69 -8.62
C GLU C 14 -4.98 -2.60 -9.45
N ALA C 15 -4.46 -1.37 -9.36
CA ALA C 15 -5.00 -0.26 -10.16
C ALA C 15 -4.98 -0.57 -11.66
N LEU C 16 -3.87 -1.15 -12.15
CA LEU C 16 -3.80 -1.47 -13.58
C LEU C 16 -4.70 -2.64 -13.93
N SER C 17 -4.82 -3.61 -13.03
CA SER C 17 -5.73 -4.73 -13.24
C SER C 17 -7.17 -4.24 -13.31
N LEU C 18 -7.54 -3.30 -12.44
CA LEU C 18 -8.88 -2.74 -12.43
C LEU C 18 -9.15 -1.94 -13.70
N LEU C 19 -8.17 -1.18 -14.16
CA LEU C 19 -8.32 -0.49 -15.43
C LEU C 19 -8.69 -1.49 -16.52
N GLU C 20 -8.06 -2.67 -16.51
CA GLU C 20 -8.35 -3.67 -17.53
C GLU C 20 -9.78 -4.17 -17.44
N LYS C 21 -10.32 -4.28 -16.22
CA LYS C 21 -11.66 -4.83 -16.08
C LYS C 21 -12.73 -3.79 -16.43
N VAL C 22 -12.55 -2.55 -16.02
CA VAL C 22 -13.47 -1.48 -16.39
C VAL C 22 -13.58 -1.37 -17.91
N ARG C 23 -12.51 -1.74 -18.62
CA ARG C 23 -12.52 -1.69 -20.08
C ARG C 23 -13.70 -2.44 -20.66
N GLU C 24 -14.09 -3.55 -20.02
CA GLU C 24 -15.09 -4.41 -20.63
C GLU C 24 -16.50 -3.95 -20.34
N SER C 25 -16.74 -3.37 -19.16
CA SER C 25 -18.07 -2.98 -18.72
C SER C 25 -18.25 -1.48 -18.46
N GLY C 26 -17.17 -0.73 -18.27
CA GLY C 26 -17.31 0.69 -18.02
C GLY C 26 -16.82 1.56 -19.16
N LYS C 27 -16.23 2.72 -18.83
CA LYS C 27 -15.70 3.65 -19.82
C LYS C 27 -14.41 4.24 -19.28
N VAL C 28 -13.38 4.29 -20.12
CA VAL C 28 -12.06 4.80 -19.78
C VAL C 28 -11.61 5.75 -20.91
N LYS C 29 -10.74 6.69 -20.57
CA LYS C 29 -10.15 7.60 -21.56
C LYS C 29 -8.63 7.48 -21.48
N LYS C 30 -7.98 7.40 -22.64
CA LYS C 30 -6.51 7.27 -22.71
C LYS C 30 -5.93 8.53 -23.31
N GLY C 31 -4.95 9.12 -22.64
CA GLY C 31 -4.29 10.30 -23.14
C GLY C 31 -4.52 11.52 -22.29
N THR C 32 -3.53 12.41 -22.25
CA THR C 32 -3.54 13.53 -21.31
C THR C 32 -4.55 14.60 -21.68
N ASN C 33 -4.84 14.81 -22.98
CA ASN C 33 -5.85 15.81 -23.33
C ASN C 33 -7.20 15.39 -22.75
N ARG C 34 -7.62 14.16 -23.04
CA ARG C 34 -8.94 13.73 -22.61
C ARG C 34 -9.00 13.53 -21.11
N THR C 35 -7.89 13.08 -20.52
CA THR C 35 -7.87 12.90 -19.08
C THR C 35 -8.04 14.24 -18.38
N THR C 36 -7.30 15.25 -18.85
CA THR C 36 -7.39 16.59 -18.31
C THR C 36 -8.82 17.13 -18.45
N HIS C 37 -9.41 16.97 -19.64
CA HIS C 37 -10.78 17.44 -19.85
C HIS C 37 -11.75 16.77 -18.87
N ALA C 38 -11.62 15.45 -18.69
CA ALA C 38 -12.54 14.72 -17.84
C ALA C 38 -12.45 15.17 -16.38
N VAL C 39 -11.23 15.37 -15.88
CA VAL C 39 -11.06 15.91 -14.53
C VAL C 39 -11.73 17.26 -14.41
N TYR C 40 -11.40 18.17 -15.33
CA TYR C 40 -11.96 19.52 -15.30
C TYR C 40 -13.49 19.49 -15.29
N ARG C 41 -14.10 18.57 -16.03
CA ARG C 41 -15.55 18.49 -16.12
C ARG C 41 -16.19 17.65 -15.03
N GLY C 42 -15.42 17.23 -14.03
CA GLY C 42 -15.97 16.47 -12.92
C GLY C 42 -16.42 15.07 -13.26
N LEU C 43 -15.97 14.51 -14.39
CA LEU C 43 -16.35 13.17 -14.81
C LEU C 43 -15.32 12.09 -14.51
N ALA C 44 -14.14 12.44 -14.03
CA ALA C 44 -13.12 11.46 -13.74
C ALA C 44 -13.36 10.82 -12.37
N LYS C 45 -13.40 9.49 -12.34
CA LYS C 45 -13.49 8.71 -11.10
C LYS C 45 -12.13 8.40 -10.49
N LEU C 46 -11.14 8.11 -11.33
CA LEU C 46 -9.78 7.79 -10.89
C LEU C 46 -8.86 8.08 -12.06
N VAL C 47 -7.77 8.80 -11.82
CA VAL C 47 -6.84 9.05 -12.92
C VAL C 47 -5.49 8.40 -12.64
N TYR C 48 -4.87 7.93 -13.71
CA TYR C 48 -3.59 7.24 -13.71
C TYR C 48 -2.54 8.16 -14.31
N ILE C 49 -1.37 8.25 -13.68
CA ILE C 49 -0.30 9.11 -14.17
C ILE C 49 0.96 8.26 -14.28
N ALA C 50 1.53 8.20 -15.48
CA ALA C 50 2.75 7.43 -15.66
C ALA C 50 3.93 8.23 -15.11
N GLU C 51 4.96 7.49 -14.64
CA GLU C 51 6.15 8.08 -14.04
C GLU C 51 7.30 8.26 -15.03
N ASP C 52 7.25 7.66 -16.21
CA ASP C 52 8.36 7.74 -17.18
C ASP C 52 8.02 8.64 -18.38
N VAL C 53 7.36 9.75 -18.11
CA VAL C 53 6.91 10.66 -19.16
C VAL C 53 7.99 11.71 -19.38
N ASP C 54 8.40 11.88 -20.64
CA ASP C 54 9.49 12.78 -20.99
C ASP C 54 9.08 13.63 -22.18
N PRO C 55 8.95 14.95 -22.01
CA PRO C 55 9.23 15.70 -20.79
C PRO C 55 8.15 15.51 -19.73
N PRO C 56 8.55 15.58 -18.46
CA PRO C 56 7.58 15.39 -17.38
C PRO C 56 6.52 16.47 -17.32
N GLU C 57 6.75 17.62 -17.94
CA GLU C 57 5.77 18.69 -17.84
C GLU C 57 4.42 18.29 -18.43
N ILE C 58 4.40 17.29 -19.31
CA ILE C 58 3.15 16.84 -19.93
C ILE C 58 2.11 16.45 -18.88
N VAL C 59 2.51 15.71 -17.84
CA VAL C 59 1.58 15.28 -16.80
C VAL C 59 1.78 16.06 -15.51
N ALA C 60 2.62 17.09 -15.52
CA ALA C 60 3.04 17.75 -14.29
C ALA C 60 1.92 18.51 -13.59
N HIS C 61 0.84 18.85 -14.28
CA HIS C 61 -0.25 19.61 -13.68
C HIS C 61 -1.44 18.74 -13.32
N LEU C 62 -1.40 17.45 -13.61
CA LEU C 62 -2.53 16.61 -13.28
C LEU C 62 -2.75 16.47 -11.78
N PRO C 63 -1.71 16.26 -10.95
CA PRO C 63 -1.99 16.13 -9.51
C PRO C 63 -2.70 17.34 -8.92
N LEU C 64 -2.33 18.56 -9.31
CA LEU C 64 -3.03 19.71 -8.73
C LEU C 64 -4.46 19.81 -9.25
N LEU C 65 -4.66 19.58 -10.55
CA LEU C 65 -6.02 19.64 -11.08
C LEU C 65 -6.91 18.57 -10.43
N CYS C 66 -6.37 17.36 -10.23
CA CYS C 66 -7.13 16.31 -9.56
C CYS C 66 -7.50 16.75 -8.14
N GLU C 67 -6.52 17.29 -7.41
CA GLU C 67 -6.77 17.74 -6.04
C GLU C 67 -7.80 18.85 -6.00
N GLU C 68 -7.82 19.74 -7.00
CA GLU C 68 -8.78 20.84 -6.99
C GLU C 68 -10.20 20.35 -7.26
N LYS C 69 -10.35 19.21 -7.95
CA LYS C 69 -11.67 18.68 -8.28
C LYS C 69 -12.03 17.46 -7.45
N ASN C 70 -11.26 17.15 -6.40
CA ASN C 70 -11.49 16.00 -5.53
C ASN C 70 -11.53 14.68 -6.30
N VAL C 71 -10.54 14.49 -7.15
CA VAL C 71 -10.43 13.29 -7.97
C VAL C 71 -9.20 12.53 -7.50
N PRO C 72 -9.33 11.27 -7.09
CA PRO C 72 -8.14 10.52 -6.68
C PRO C 72 -7.29 10.17 -7.89
N TYR C 73 -5.97 10.18 -7.70
CA TYR C 73 -5.05 9.73 -8.73
C TYR C 73 -4.02 8.79 -8.13
N ILE C 74 -3.35 8.04 -9.02
CA ILE C 74 -2.32 7.09 -8.64
C ILE C 74 -1.22 7.11 -9.70
N TYR C 75 0.03 7.20 -9.26
CA TYR C 75 1.16 7.08 -10.16
C TYR C 75 1.36 5.60 -10.46
N VAL C 76 1.64 5.30 -11.72
CA VAL C 76 2.08 3.98 -12.15
C VAL C 76 3.40 4.15 -12.89
N LYS C 77 4.20 3.08 -12.91
CA LYS C 77 5.60 3.24 -13.31
C LYS C 77 5.77 3.57 -14.78
N SER C 78 5.02 2.93 -15.69
CA SER C 78 5.36 3.08 -17.09
C SER C 78 4.15 3.42 -17.96
N LYS C 79 4.36 4.33 -18.90
CA LYS C 79 3.30 4.69 -19.83
C LYS C 79 3.00 3.56 -20.78
N ASN C 80 3.94 2.63 -20.98
CA ASN C 80 3.67 1.44 -21.77
C ASN C 80 2.72 0.49 -21.04
N ASP C 81 2.92 0.28 -19.74
CA ASP C 81 1.99 -0.58 -19.00
C ASP C 81 0.59 0.05 -18.94
N LEU C 82 0.53 1.36 -18.65
CA LEU C 82 -0.75 2.06 -18.62
C LEU C 82 -1.49 1.95 -19.95
N GLY C 83 -0.78 2.20 -21.05
CA GLY C 83 -1.42 2.07 -22.36
C GLY C 83 -1.87 0.65 -22.65
N ARG C 84 -1.04 -0.33 -22.30
CA ARG C 84 -1.46 -1.73 -22.43
CA ARG C 84 -1.46 -1.74 -22.41
C ARG C 84 -2.74 -2.00 -21.63
N ALA C 85 -2.76 -1.56 -20.37
CA ALA C 85 -3.92 -1.85 -19.52
C ALA C 85 -5.19 -1.30 -20.12
N VAL C 86 -5.11 -0.13 -20.76
CA VAL C 86 -6.31 0.56 -21.21
C VAL C 86 -6.73 0.18 -22.62
N GLY C 87 -5.87 -0.47 -23.41
CA GLY C 87 -6.26 -1.02 -24.69
C GLY C 87 -5.99 -0.08 -25.86
N GLY C 88 -6.10 -0.65 -27.06
CA GLY C 88 -5.77 0.10 -28.27
C GLY C 88 -4.28 0.37 -28.36
N TRP C 89 -3.93 1.52 -28.94
CA TRP C 89 -2.53 1.94 -29.00
C TRP C 89 -1.96 1.92 -27.59
N PRO C 90 -0.98 1.05 -27.30
CA PRO C 90 -0.66 0.72 -25.90
C PRO C 90 0.35 1.66 -25.25
N ILE C 91 0.19 2.97 -25.45
CA ILE C 91 1.05 3.95 -24.79
C ILE C 91 0.17 5.11 -24.37
N GLY C 92 0.26 5.53 -23.12
CA GLY C 92 -0.37 6.75 -22.66
C GLY C 92 0.29 7.29 -21.41
N ALA C 93 0.51 8.61 -21.39
CA ALA C 93 1.12 9.24 -20.23
C ALA C 93 0.13 9.34 -19.06
N SER C 94 -1.17 9.34 -19.36
CA SER C 94 -2.19 9.38 -18.32
C SER C 94 -3.47 8.76 -18.88
N ALA C 95 -4.43 8.51 -17.99
CA ALA C 95 -5.71 7.92 -18.34
C ALA C 95 -6.67 8.16 -17.19
N ALA C 96 -7.96 8.03 -17.47
CA ALA C 96 -8.99 8.18 -16.42
C ALA C 96 -10.09 7.14 -16.59
N ILE C 97 -10.60 6.66 -15.44
CA ILE C 97 -11.83 5.89 -15.42
C ILE C 97 -12.97 6.89 -15.35
N ILE C 98 -13.92 6.77 -16.28
CA ILE C 98 -15.08 7.63 -16.34
C ILE C 98 -16.30 6.93 -15.78
N ASN C 99 -16.61 5.74 -16.30
CA ASN C 99 -17.68 4.87 -15.80
C ASN C 99 -17.06 3.62 -15.20
N GLU C 100 -17.45 3.31 -13.96
CA GLU C 100 -16.87 2.17 -13.24
C GLU C 100 -17.35 0.83 -13.76
N GLY C 101 -18.42 0.79 -14.54
CA GLY C 101 -18.97 -0.48 -14.96
C GLY C 101 -19.32 -1.33 -13.76
N GLU C 102 -18.81 -2.56 -13.79
CA GLU C 102 -19.10 -3.61 -12.81
C GLU C 102 -18.22 -3.53 -11.57
N LEU C 103 -17.26 -2.60 -11.53
CA LEU C 103 -16.18 -2.61 -10.56
C LEU C 103 -16.30 -1.52 -9.48
N ARG C 104 -17.52 -1.04 -9.20
CA ARG C 104 -17.70 -0.02 -8.17
C ARG C 104 -17.12 -0.45 -6.82
N LYS C 105 -17.43 -1.68 -6.38
CA LYS C 105 -16.84 -2.20 -5.14
C LYS C 105 -15.31 -2.12 -5.14
N GLU C 106 -14.70 -2.79 -6.11
CA GLU C 106 -13.24 -2.86 -6.17
C GLU C 106 -12.60 -1.50 -6.37
N LEU C 107 -13.21 -0.61 -7.16
CA LEU C 107 -12.63 0.71 -7.28
C LEU C 107 -12.79 1.51 -6.00
N GLY C 108 -13.97 1.42 -5.36
CA GLY C 108 -14.16 2.11 -4.09
C GLY C 108 -13.13 1.68 -3.05
N SER C 109 -12.85 0.39 -2.97
CA SER C 109 -11.83 -0.11 -2.05
C SER C 109 -10.46 0.43 -2.40
N LEU C 110 -10.11 0.45 -3.69
CA LEU C 110 -8.84 1.00 -4.13
C LEU C 110 -8.71 2.48 -3.77
N VAL C 111 -9.74 3.27 -4.08
CA VAL C 111 -9.73 4.69 -3.75
C VAL C 111 -9.50 4.92 -2.27
N GLU C 112 -10.13 4.10 -1.42
CA GLU C 112 -9.93 4.24 0.01
C GLU C 112 -8.46 4.12 0.39
N LYS C 113 -7.74 3.17 -0.23
CA LYS C 113 -6.32 3.00 0.07
C LYS C 113 -5.49 4.16 -0.47
N ILE C 114 -5.82 4.68 -1.66
CA ILE C 114 -5.14 5.88 -2.16
C ILE C 114 -5.27 7.03 -1.19
N LYS C 115 -6.49 7.26 -0.70
CA LYS C 115 -6.70 8.34 0.26
C LYS C 115 -5.89 8.10 1.53
N GLY C 116 -5.68 6.83 1.88
CA GLY C 116 -4.85 6.47 3.03
C GLY C 116 -3.40 6.92 2.94
N LEU C 117 -2.88 7.10 1.73
CA LEU C 117 -1.52 7.60 1.57
C LEU C 117 -1.32 9.01 2.11
N GLN C 118 -2.39 9.70 2.54
CA GLN C 118 -2.27 11.07 3.03
C GLN C 118 -2.85 11.24 4.44
#